data_8D6C
#
_entry.id   8D6C
#
_cell.length_a   51.640
_cell.length_b   112.730
_cell.length_c   72.660
_cell.angle_alpha   90.000
_cell.angle_beta   110.420
_cell.angle_gamma   90.000
#
_symmetry.space_group_name_H-M   'P 1 21 1'
#
loop_
_entity.id
_entity.type
_entity.pdbx_description
1 polymer 'Membrane-associated tyrosine- and threonine-specific cdc2-inhibitory kinase'
2 non-polymer 1,2-ETHANEDIOL
3 non-polymer 'SULFATE ION'
4 non-polymer (1P)-2-amino-6-bromo-1-(3-hydroxy-2,6-dimethylphenyl)-1H-pyrrolo[2,3-b]quinoxaline-3-carboxamide
5 non-polymer GLYCEROL
6 water water
#
_entity_poly.entity_id   1
_entity_poly.type   'polypeptide(L)'
_entity_poly.pdbx_seq_one_letter_code
;MHHHHHHSSGVDLGTENLYFQSMHQLQPRRVSFRGEASETLQSPGYDPSRPESFFQQSFQRLSRLGHGSYGEVFKVRSKE
DGRLYAVKRSMSPFRGPKDRARKLAEVGSHEKVGQHPCCVRLEQAWEEGGILYLQTELCGPSLQQHCEAWGASLPEAQVW
GYLRDTLLALAHLHSQGLVHLDVKPANIFLGPRGRCKLGDFGLLVELGTAGAGEVQEGDPRYMAPELLQGSYGTAADVFS
LGLTILEVACNMELPHGGEGWQQLRQGYLPPEFTAGLSSELRSVLVMMLEPDPKLRATAEALLALPVLRQP
;
_entity_poly.pdbx_strand_id   A,B
#
# COMPACT_ATOMS: atom_id res chain seq x y z
N GLN A 27 17.37 14.19 -28.05
CA GLN A 27 18.53 14.07 -27.17
C GLN A 27 18.19 14.50 -25.75
N PRO A 28 18.75 13.81 -24.76
CA PRO A 28 18.48 14.17 -23.35
C PRO A 28 19.39 15.30 -22.90
N ARG A 29 18.79 16.29 -22.22
CA ARG A 29 19.52 17.44 -21.72
C ARG A 29 19.25 17.58 -20.22
N ARG A 30 20.30 17.86 -19.46
CA ARG A 30 20.15 18.01 -18.02
C ARG A 30 19.41 19.30 -17.70
N VAL A 31 18.66 19.28 -16.59
CA VAL A 31 17.88 20.42 -16.14
C VAL A 31 18.34 20.80 -14.73
N SER A 32 18.82 22.04 -14.59
CA SER A 32 19.23 22.54 -13.29
C SER A 32 19.19 24.07 -13.32
N PHE A 33 18.99 24.67 -12.15
CA PHE A 33 18.93 26.12 -12.01
C PHE A 33 20.12 26.67 -11.25
N ARG A 34 21.24 25.94 -11.23
CA ARG A 34 22.45 26.38 -10.54
C ARG A 34 23.36 27.15 -11.49
N SER A 38 26.90 19.42 -15.28
CA SER A 38 27.05 18.68 -16.52
C SER A 38 25.77 18.65 -17.32
N GLU A 39 25.50 19.74 -18.05
CA GLU A 39 24.28 19.83 -18.85
C GLU A 39 24.26 18.83 -20.00
N THR A 40 25.42 18.33 -20.43
CA THR A 40 25.48 17.39 -21.54
C THR A 40 24.89 16.04 -21.16
N SER A 43 26.63 9.44 -20.02
CA SER A 43 26.48 8.27 -19.15
C SER A 43 27.03 7.02 -19.82
N PRO A 44 27.67 6.14 -19.03
CA PRO A 44 28.21 4.90 -19.60
C PRO A 44 27.12 3.95 -20.09
N GLY A 45 26.10 3.73 -19.27
CA GLY A 45 25.02 2.82 -19.64
C GLY A 45 24.13 3.30 -20.76
N TYR A 46 24.24 4.57 -21.14
CA TYR A 46 23.42 5.16 -22.21
C TYR A 46 24.32 5.54 -23.37
N ASP A 47 24.07 4.95 -24.54
CA ASP A 47 24.84 5.28 -25.73
C ASP A 47 24.03 6.23 -26.59
N PRO A 48 24.54 7.43 -26.89
CA PRO A 48 23.77 8.37 -27.73
C PRO A 48 23.42 7.81 -29.11
N SER A 49 24.23 6.88 -29.62
CA SER A 49 23.93 6.28 -30.92
C SER A 49 22.66 5.43 -30.88
N ARG A 50 22.38 4.79 -29.74
CA ARG A 50 21.20 3.95 -29.64
C ARG A 50 19.94 4.82 -29.69
N PRO A 51 18.85 4.30 -30.26
CA PRO A 51 17.63 5.10 -30.41
C PRO A 51 16.75 5.14 -29.16
N GLU A 52 16.99 4.30 -28.17
CA GLU A 52 16.16 4.31 -26.97
C GLU A 52 16.49 5.52 -26.09
N SER A 53 15.52 5.90 -25.26
CA SER A 53 15.69 7.08 -24.42
C SER A 53 16.68 6.81 -23.29
N PHE A 54 17.18 7.90 -22.70
CA PHE A 54 18.12 7.79 -21.58
C PHE A 54 17.47 7.07 -20.40
N PHE A 55 16.18 7.31 -20.17
CA PHE A 55 15.48 6.66 -19.06
C PHE A 55 15.43 5.15 -19.27
N GLN A 56 15.08 4.73 -20.49
CA GLN A 56 14.97 3.29 -20.76
C GLN A 56 16.33 2.62 -20.84
N GLN A 57 17.38 3.36 -21.19
CA GLN A 57 18.70 2.76 -21.36
C GLN A 57 19.51 2.75 -20.08
N SER A 58 19.29 3.71 -19.17
CA SER A 58 20.10 3.84 -17.98
C SER A 58 19.35 3.48 -16.71
N PHE A 59 18.12 2.97 -16.82
CA PHE A 59 17.34 2.59 -15.65
C PHE A 59 16.53 1.34 -15.96
N GLN A 60 16.28 0.54 -14.92
CA GLN A 60 15.45 -0.65 -15.01
C GLN A 60 14.17 -0.38 -14.21
N ARG A 61 13.05 -0.27 -14.90
CA ARG A 61 11.77 0.05 -14.26
C ARG A 61 11.29 -1.17 -13.50
N LEU A 62 11.46 -1.15 -12.17
CA LEU A 62 11.04 -2.26 -11.33
C LEU A 62 9.52 -2.28 -11.15
N SER A 63 8.92 -1.11 -10.95
CA SER A 63 7.48 -0.99 -10.77
C SER A 63 7.09 0.47 -10.94
N ARG A 64 5.78 0.69 -11.10
CA ARG A 64 5.23 2.03 -11.24
C ARG A 64 4.56 2.42 -9.92
N LEU A 65 5.15 3.38 -9.21
CA LEU A 65 4.63 3.78 -7.91
C LEU A 65 3.32 4.56 -8.05
N GLY A 66 3.14 5.29 -9.13
CA GLY A 66 1.92 6.05 -9.33
C GLY A 66 1.87 6.65 -10.70
N HIS A 67 0.67 7.04 -11.11
CA HIS A 67 0.45 7.69 -12.40
C HIS A 67 -0.73 8.64 -12.29
N GLY A 68 -0.70 9.68 -13.11
CA GLY A 68 -1.77 10.66 -13.10
C GLY A 68 -1.55 11.72 -14.14
N SER A 69 -2.29 12.83 -14.00
CA SER A 69 -2.13 13.95 -14.91
C SER A 69 -0.72 14.53 -14.84
N TYR A 70 -0.09 14.47 -13.66
CA TYR A 70 1.30 14.89 -13.52
C TYR A 70 2.25 14.01 -14.33
N GLY A 71 1.84 12.79 -14.66
CA GLY A 71 2.70 11.86 -15.37
C GLY A 71 2.74 10.50 -14.71
N GLU A 72 3.92 9.91 -14.63
CA GLU A 72 4.08 8.58 -14.05
C GLU A 72 5.33 8.57 -13.18
N VAL A 73 5.24 7.87 -12.04
CA VAL A 73 6.35 7.70 -11.11
C VAL A 73 6.70 6.22 -11.06
N PHE A 74 7.98 5.93 -11.22
CA PHE A 74 8.47 4.56 -11.29
C PHE A 74 9.49 4.31 -10.19
N LYS A 75 9.44 3.10 -9.62
CA LYS A 75 10.52 2.58 -8.78
C LYS A 75 11.55 1.94 -9.69
N VAL A 76 12.74 2.55 -9.77
CA VAL A 76 13.74 2.14 -10.74
C VAL A 76 15.03 1.81 -10.02
N ARG A 77 15.87 1.03 -10.70
CA ARG A 77 17.24 0.74 -10.27
C ARG A 77 18.17 1.28 -11.34
N SER A 78 19.09 2.15 -10.92
CA SER A 78 19.98 2.81 -11.88
C SER A 78 21.02 1.83 -12.39
N LYS A 79 21.19 1.79 -13.71
CA LYS A 79 22.22 0.99 -14.35
C LYS A 79 23.61 1.60 -14.23
N GLU A 80 23.79 2.63 -13.40
CA GLU A 80 25.08 3.27 -13.21
C GLU A 80 25.72 2.89 -11.88
N ASP A 81 25.05 3.16 -10.76
CA ASP A 81 25.56 2.82 -9.45
C ASP A 81 24.79 1.68 -8.77
N GLY A 82 23.67 1.25 -9.35
CA GLY A 82 22.89 0.15 -8.79
C GLY A 82 21.98 0.51 -7.65
N ARG A 83 22.08 1.71 -7.09
CA ARG A 83 21.22 2.10 -5.99
C ARG A 83 19.78 2.29 -6.46
N LEU A 84 18.86 2.26 -5.50
CA LEU A 84 17.44 2.40 -5.79
C LEU A 84 17.02 3.86 -5.77
N TYR A 85 16.26 4.27 -6.78
CA TYR A 85 15.78 5.64 -6.89
C TYR A 85 14.35 5.60 -7.42
N ALA A 86 13.69 6.75 -7.34
CA ALA A 86 12.36 6.95 -7.91
C ALA A 86 12.45 8.05 -8.97
N VAL A 87 11.89 7.78 -10.15
CA VAL A 87 11.94 8.70 -11.27
C VAL A 87 10.51 9.02 -11.69
N LYS A 88 10.20 10.31 -11.78
CA LYS A 88 8.90 10.79 -12.24
C LYS A 88 9.07 11.47 -13.60
N ARG A 89 8.22 11.11 -14.55
CA ARG A 89 8.24 11.74 -15.87
C ARG A 89 6.88 12.33 -16.18
N SER A 90 6.89 13.46 -16.88
CA SER A 90 5.65 14.11 -17.27
C SER A 90 4.88 13.24 -18.26
N MET A 91 3.57 13.47 -18.31
CA MET A 91 2.69 12.63 -19.12
C MET A 91 2.86 12.92 -20.60
N SER A 92 2.67 14.17 -21.01
CA SER A 92 2.70 14.56 -22.40
C SER A 92 3.82 15.57 -22.66
N PRO A 93 4.33 15.63 -23.89
CA PRO A 93 5.42 16.59 -24.20
C PRO A 93 5.00 18.03 -23.95
N PHE A 94 6.01 18.89 -23.85
CA PHE A 94 5.78 20.31 -23.62
C PHE A 94 4.90 20.90 -24.71
N ARG A 95 3.79 21.51 -24.31
CA ARG A 95 2.90 22.15 -25.27
C ARG A 95 3.52 23.43 -25.82
N GLY A 96 3.96 24.32 -24.93
CA GLY A 96 4.58 25.56 -25.32
C GLY A 96 5.69 25.96 -24.36
N PRO A 97 6.15 27.21 -24.48
CA PRO A 97 7.20 27.67 -23.54
C PRO A 97 6.68 27.82 -22.12
N LYS A 98 5.42 28.23 -21.95
CA LYS A 98 4.87 28.38 -20.61
C LYS A 98 4.75 27.04 -19.91
N ASP A 99 4.29 26.01 -20.62
CA ASP A 99 4.18 24.68 -20.03
C ASP A 99 5.55 24.14 -19.65
N ARG A 100 6.55 24.33 -20.53
CA ARG A 100 7.90 23.87 -20.23
C ARG A 100 8.46 24.57 -19.00
N ALA A 101 8.34 25.90 -18.95
CA ALA A 101 8.84 26.65 -17.81
C ALA A 101 8.08 26.32 -16.53
N ARG A 102 6.79 26.00 -16.65
CA ARG A 102 6.00 25.64 -15.48
C ARG A 102 6.47 24.32 -14.88
N LYS A 103 6.67 23.31 -15.74
CA LYS A 103 7.11 22.00 -15.27
C LYS A 103 8.54 22.05 -14.76
N LEU A 104 9.43 22.76 -15.46
CA LEU A 104 10.82 22.88 -15.02
C LEU A 104 10.96 23.64 -13.72
N ALA A 105 9.95 24.44 -13.34
CA ALA A 105 10.04 25.21 -12.10
C ALA A 105 10.11 24.31 -10.88
N GLU A 106 9.56 23.09 -10.97
CA GLU A 106 9.64 22.16 -9.85
C GLU A 106 11.09 21.82 -9.53
N VAL A 107 11.90 21.61 -10.56
CA VAL A 107 13.32 21.33 -10.35
C VAL A 107 13.99 22.48 -9.62
N GLY A 108 13.67 23.72 -10.01
CA GLY A 108 14.23 24.87 -9.31
C GLY A 108 13.82 24.94 -7.87
N SER A 109 12.53 24.71 -7.58
CA SER A 109 12.06 24.72 -6.20
C SER A 109 12.71 23.61 -5.38
N HIS A 110 12.95 22.45 -6.00
CA HIS A 110 13.60 21.36 -5.27
C HIS A 110 15.04 21.71 -4.91
N GLU A 111 15.72 22.47 -5.76
CA GLU A 111 17.09 22.86 -5.47
C GLU A 111 17.14 23.88 -4.33
N LYS A 112 16.17 24.79 -4.29
CA LYS A 112 16.12 25.78 -3.21
C LYS A 112 15.97 25.13 -1.84
N VAL A 113 15.27 24.00 -1.78
CA VAL A 113 15.12 23.29 -0.51
C VAL A 113 16.46 22.75 -0.04
N GLY A 114 17.23 22.14 -0.94
CA GLY A 114 18.52 21.59 -0.58
C GLY A 114 18.39 20.25 0.11
N GLN A 115 19.54 19.75 0.56
CA GLN A 115 19.59 18.47 1.24
C GLN A 115 19.21 18.66 2.71
N HIS A 116 18.16 17.96 3.14
CA HIS A 116 17.71 17.99 4.53
C HIS A 116 17.21 16.60 4.88
N PRO A 117 17.49 16.12 6.10
CA PRO A 117 17.08 14.75 6.47
C PRO A 117 15.59 14.52 6.40
N CYS A 118 14.76 15.56 6.53
CA CYS A 118 13.30 15.40 6.47
C CYS A 118 12.71 15.92 5.16
N CYS A 119 13.53 16.08 4.13
CA CYS A 119 13.08 16.51 2.81
C CYS A 119 13.59 15.54 1.77
N VAL A 120 12.72 15.18 0.82
CA VAL A 120 13.13 14.26 -0.24
C VAL A 120 14.26 14.88 -1.05
N ARG A 121 15.33 14.12 -1.21
CA ARG A 121 16.52 14.60 -1.90
C ARG A 121 16.42 14.32 -3.39
N LEU A 122 16.74 15.33 -4.20
CA LEU A 122 16.72 15.20 -5.66
C LEU A 122 18.12 14.86 -6.16
N GLU A 123 18.22 13.78 -6.92
CA GLU A 123 19.52 13.37 -7.46
C GLU A 123 19.86 14.16 -8.72
N GLN A 124 19.07 14.00 -9.77
CA GLN A 124 19.28 14.72 -11.02
C GLN A 124 17.96 14.84 -11.77
N ALA A 125 17.89 15.85 -12.63
CA ALA A 125 16.71 16.12 -13.44
C ALA A 125 17.13 16.39 -14.87
N TRP A 126 16.35 15.89 -15.82
CA TRP A 126 16.68 16.06 -17.23
C TRP A 126 15.41 16.05 -18.06
N GLU A 127 15.52 16.55 -19.28
CA GLU A 127 14.42 16.59 -20.23
C GLU A 127 14.84 15.89 -21.52
N GLU A 128 13.85 15.26 -22.17
CA GLU A 128 14.09 14.57 -23.44
C GLU A 128 12.76 14.41 -24.15
N GLY A 129 12.69 14.88 -25.39
CA GLY A 129 11.47 14.76 -26.16
C GLY A 129 10.28 15.51 -25.57
N GLY A 130 10.53 16.63 -24.89
CA GLY A 130 9.47 17.35 -24.22
C GLY A 130 8.99 16.74 -22.93
N ILE A 131 9.68 15.72 -22.43
CA ILE A 131 9.30 15.03 -21.20
C ILE A 131 10.33 15.37 -20.14
N LEU A 132 9.87 15.78 -18.96
CA LEU A 132 10.73 16.15 -17.85
C LEU A 132 10.84 14.98 -16.88
N TYR A 133 12.07 14.63 -16.52
CA TYR A 133 12.34 13.54 -15.59
C TYR A 133 12.95 14.10 -14.31
N LEU A 134 12.43 13.69 -13.16
CA LEU A 134 13.01 14.03 -11.86
C LEU A 134 13.36 12.74 -11.14
N GLN A 135 14.62 12.60 -10.75
CA GLN A 135 15.12 11.42 -10.05
C GLN A 135 15.41 11.78 -8.60
N THR A 136 14.69 11.16 -7.67
CA THR A 136 14.84 11.40 -6.25
C THR A 136 15.16 10.09 -5.54
N GLU A 137 15.56 10.22 -4.27
CA GLU A 137 15.78 9.03 -3.45
C GLU A 137 14.48 8.27 -3.26
N LEU A 138 14.59 6.95 -3.18
CA LEU A 138 13.43 6.09 -2.99
C LEU A 138 12.98 6.15 -1.53
N CYS A 139 11.75 6.59 -1.31
CA CYS A 139 11.15 6.61 0.02
C CYS A 139 10.07 5.54 0.11
N GLY A 140 9.58 5.31 1.32
CA GLY A 140 8.54 4.34 1.54
C GLY A 140 7.19 4.85 1.11
N PRO A 141 6.12 4.24 1.63
CA PRO A 141 4.77 4.68 1.25
C PRO A 141 4.44 6.04 1.86
N SER A 142 3.54 6.76 1.19
CA SER A 142 3.09 8.04 1.69
C SER A 142 2.22 7.85 2.94
N LEU A 143 2.15 8.91 3.74
CA LEU A 143 1.31 8.90 4.93
C LEU A 143 -0.15 8.64 4.60
N GLN A 144 -0.58 9.04 3.40
CA GLN A 144 -1.95 8.74 2.98
C GLN A 144 -2.16 7.25 2.83
N GLN A 145 -1.24 6.56 2.17
CA GLN A 145 -1.35 5.11 1.99
C GLN A 145 -1.29 4.38 3.32
N HIS A 146 -0.42 4.83 4.21
CA HIS A 146 -0.29 4.17 5.51
C HIS A 146 -1.56 4.26 6.32
N CYS A 147 -2.22 5.43 6.29
CA CYS A 147 -3.45 5.59 7.05
C CYS A 147 -4.60 4.81 6.43
N GLU A 148 -4.64 4.69 5.10
CA GLU A 148 -5.66 3.87 4.47
C GLU A 148 -5.49 2.41 4.86
N ALA A 149 -4.24 1.94 4.90
CA ALA A 149 -3.99 0.55 5.28
C ALA A 149 -4.33 0.30 6.73
N TRP A 150 -3.98 1.24 7.62
CA TRP A 150 -4.28 1.06 9.04
C TRP A 150 -5.78 1.16 9.31
N GLY A 151 -6.51 1.90 8.48
CA GLY A 151 -7.96 1.94 8.58
C GLY A 151 -8.50 2.42 9.91
N ALA A 152 -7.73 3.21 10.64
CA ALA A 152 -8.15 3.72 11.94
C ALA A 152 -7.24 4.90 12.30
N SER A 153 -7.50 5.48 13.46
CA SER A 153 -6.65 6.56 13.96
C SER A 153 -5.26 5.99 14.23
N LEU A 154 -4.24 6.71 13.77
CA LEU A 154 -2.88 6.27 14.03
C LEU A 154 -2.56 6.37 15.52
N PRO A 155 -1.72 5.48 16.04
CA PRO A 155 -1.28 5.61 17.43
C PRO A 155 -0.55 6.93 17.62
N GLU A 156 -0.85 7.61 18.73
CA GLU A 156 -0.29 8.94 18.97
C GLU A 156 1.23 8.92 18.96
N ALA A 157 1.85 7.80 19.37
CA ALA A 157 3.30 7.70 19.30
C ALA A 157 3.80 7.89 17.87
N GLN A 158 3.14 7.26 16.91
CA GLN A 158 3.50 7.49 15.51
C GLN A 158 3.18 8.91 15.07
N VAL A 159 2.08 9.47 15.57
CA VAL A 159 1.67 10.81 15.18
C VAL A 159 2.70 11.84 15.62
N TRP A 160 3.17 11.74 16.86
CA TRP A 160 4.14 12.72 17.38
C TRP A 160 5.43 12.72 16.55
N GLY A 161 5.92 11.54 16.18
CA GLY A 161 7.12 11.47 15.37
C GLY A 161 6.91 12.08 13.99
N TYR A 162 5.78 11.81 13.38
CA TYR A 162 5.48 12.40 12.07
C TYR A 162 5.30 13.91 12.18
N LEU A 163 4.71 14.38 13.29
CA LEU A 163 4.58 15.82 13.50
C LEU A 163 5.94 16.49 13.67
N ARG A 164 6.86 15.83 14.39
CA ARG A 164 8.18 16.41 14.59
C ARG A 164 8.98 16.44 13.29
N ASP A 165 8.98 15.35 12.54
CA ASP A 165 9.78 15.29 11.32
C ASP A 165 9.27 16.27 10.27
N THR A 166 7.94 16.44 10.16
CA THR A 166 7.43 17.40 9.21
C THR A 166 7.67 18.83 9.68
N LEU A 167 7.61 19.08 10.98
CA LEU A 167 7.96 20.40 11.49
C LEU A 167 9.42 20.72 11.23
N LEU A 168 10.31 19.74 11.37
CA LEU A 168 11.72 19.95 11.04
C LEU A 168 11.89 20.31 9.56
N ALA A 169 11.14 19.64 8.68
CA ALA A 169 11.21 19.98 7.27
C ALA A 169 10.64 21.37 7.01
N LEU A 170 9.49 21.68 7.62
CA LEU A 170 8.89 23.00 7.44
C LEU A 170 9.80 24.11 7.97
N ALA A 171 10.44 23.88 9.12
CA ALA A 171 11.36 24.88 9.65
C ALA A 171 12.54 25.10 8.69
N HIS A 172 12.99 24.03 8.03
CA HIS A 172 14.05 24.17 7.04
C HIS A 172 13.61 25.03 5.86
N LEU A 173 12.39 24.81 5.36
CA LEU A 173 11.88 25.60 4.24
C LEU A 173 11.61 27.03 4.67
N HIS A 174 11.01 27.22 5.85
CA HIS A 174 10.64 28.56 6.29
C HIS A 174 11.86 29.42 6.60
N SER A 175 12.95 28.81 7.07
CA SER A 175 14.14 29.59 7.37
C SER A 175 14.73 30.23 6.12
N GLN A 176 14.58 29.59 4.96
CA GLN A 176 15.06 30.14 3.70
C GLN A 176 13.99 30.96 2.97
N GLY A 177 12.87 31.24 3.62
CA GLY A 177 11.82 32.01 2.98
C GLY A 177 11.00 31.24 1.96
N LEU A 178 10.79 29.94 2.19
CA LEU A 178 10.04 29.09 1.27
C LEU A 178 8.78 28.61 1.95
N VAL A 179 7.70 28.53 1.18
CA VAL A 179 6.41 28.03 1.67
C VAL A 179 5.99 26.87 0.78
N HIS A 180 5.72 25.71 1.40
CA HIS A 180 5.38 24.51 0.64
C HIS A 180 4.03 24.64 -0.04
N LEU A 181 3.02 25.09 0.70
CA LEU A 181 1.66 25.37 0.23
C LEU A 181 0.88 24.11 -0.15
N ASP A 182 1.44 22.92 0.02
CA ASP A 182 0.71 21.69 -0.29
C ASP A 182 1.06 20.60 0.70
N VAL A 183 1.12 20.94 1.98
CA VAL A 183 1.40 19.96 3.03
C VAL A 183 0.14 19.14 3.27
N LYS A 184 0.22 17.85 3.02
CA LYS A 184 -0.92 16.94 3.17
C LYS A 184 -0.37 15.52 3.30
N PRO A 185 -1.19 14.57 3.75
CA PRO A 185 -0.68 13.19 3.90
C PRO A 185 -0.06 12.61 2.64
N ALA A 186 -0.60 12.93 1.46
CA ALA A 186 -0.08 12.35 0.23
C ALA A 186 1.33 12.83 -0.09
N ASN A 187 1.72 14.00 0.41
CA ASN A 187 3.03 14.57 0.14
C ASN A 187 4.03 14.33 1.27
N ILE A 188 3.68 13.50 2.26
CA ILE A 188 4.57 13.10 3.34
C ILE A 188 4.84 11.61 3.17
N PHE A 189 6.11 11.25 3.01
CA PHE A 189 6.50 9.88 2.71
C PHE A 189 7.18 9.24 3.91
N LEU A 190 6.72 8.05 4.29
CA LEU A 190 7.22 7.37 5.48
C LEU A 190 8.59 6.76 5.24
N GLY A 191 9.38 6.67 6.31
CA GLY A 191 10.67 6.03 6.27
C GLY A 191 10.83 5.04 7.40
N PRO A 192 12.02 4.45 7.50
CA PRO A 192 12.26 3.45 8.56
C PRO A 192 12.33 4.09 9.94
N ARG A 193 11.94 3.30 10.94
CA ARG A 193 12.02 3.69 12.34
C ARG A 193 11.11 4.89 12.64
N GLY A 194 9.94 4.91 12.02
CA GLY A 194 8.94 5.93 12.31
C GLY A 194 9.26 7.33 11.84
N ARG A 195 10.21 7.48 10.93
CA ARG A 195 10.53 8.79 10.37
C ARG A 195 9.75 9.02 9.09
N CYS A 196 9.66 10.29 8.70
CA CYS A 196 9.00 10.65 7.45
C CYS A 196 9.70 11.84 6.83
N LYS A 197 9.51 12.00 5.52
CA LYS A 197 10.10 13.10 4.77
C LYS A 197 9.01 13.85 4.02
N LEU A 198 9.23 15.15 3.83
CA LEU A 198 8.32 15.99 3.08
C LEU A 198 8.71 16.00 1.60
N GLY A 199 7.71 15.93 0.73
CA GLY A 199 7.97 15.89 -0.70
C GLY A 199 7.04 16.74 -1.54
N ASP A 200 7.13 16.61 -2.86
CA ASP A 200 6.30 17.33 -3.83
C ASP A 200 6.40 18.85 -3.63
N PHE A 201 7.45 19.45 -4.17
CA PHE A 201 7.68 20.90 -4.07
C PHE A 201 7.22 21.64 -5.32
N GLY A 202 6.23 21.11 -6.02
CA GLY A 202 5.76 21.77 -7.24
C GLY A 202 5.08 23.10 -6.98
N LEU A 203 4.35 23.19 -5.88
CA LEU A 203 3.64 24.41 -5.50
C LEU A 203 4.48 25.34 -4.62
N LEU A 204 5.74 25.03 -4.40
CA LEU A 204 6.57 25.82 -3.50
C LEU A 204 6.83 27.20 -4.10
N VAL A 205 6.72 28.24 -3.26
CA VAL A 205 6.98 29.60 -3.67
C VAL A 205 8.01 30.19 -2.72
N GLU A 206 8.82 31.11 -3.25
CA GLU A 206 9.84 31.80 -2.47
C GLU A 206 9.34 33.19 -2.11
N LEU A 207 9.15 33.43 -0.82
CA LEU A 207 8.74 34.75 -0.33
C LEU A 207 9.86 35.75 -0.62
N GLY A 208 9.51 36.83 -1.31
CA GLY A 208 10.49 37.84 -1.68
C GLY A 208 9.85 39.20 -1.75
N THR A 209 10.68 40.23 -1.52
CA THR A 209 10.25 41.63 -1.54
C THR A 209 9.32 41.98 -2.70
N GLU A 214 3.87 34.30 -8.21
CA GLU A 214 3.48 33.13 -9.00
C GLU A 214 3.02 31.99 -8.09
N VAL A 215 1.77 32.05 -7.67
CA VAL A 215 1.19 31.07 -6.75
C VAL A 215 0.21 30.20 -7.52
N GLN A 216 0.30 28.89 -7.30
CA GLN A 216 -0.64 27.93 -7.89
C GLN A 216 -1.68 27.51 -6.86
N GLU A 217 -2.79 26.98 -7.37
CA GLU A 217 -3.88 26.57 -6.49
C GLU A 217 -3.49 25.35 -5.68
N GLY A 218 -3.88 25.36 -4.40
CA GLY A 218 -3.60 24.27 -3.49
C GLY A 218 -4.87 23.54 -3.07
N ASP A 219 -4.66 22.50 -2.28
CA ASP A 219 -5.77 21.68 -1.82
C ASP A 219 -6.60 22.47 -0.82
N PRO A 220 -7.89 22.74 -1.10
CA PRO A 220 -8.68 23.55 -0.17
C PRO A 220 -8.95 22.88 1.16
N ARG A 221 -8.87 21.54 1.24
CA ARG A 221 -9.11 20.87 2.50
C ARG A 221 -8.05 21.21 3.53
N TYR A 222 -6.83 21.55 3.08
CA TYR A 222 -5.73 21.89 3.97
C TYR A 222 -5.36 23.36 3.89
N MET A 223 -6.20 24.18 3.28
CA MET A 223 -5.87 25.57 3.02
C MET A 223 -5.99 26.41 4.29
N ALA A 224 -4.96 27.23 4.55
CA ALA A 224 -5.02 28.16 5.65
C ALA A 224 -6.11 29.20 5.39
N PRO A 225 -6.78 29.67 6.45
CA PRO A 225 -7.90 30.60 6.24
C PRO A 225 -7.50 31.91 5.59
N GLU A 226 -6.25 32.36 5.78
CA GLU A 226 -5.82 33.63 5.21
C GLU A 226 -5.56 33.54 3.72
N LEU A 227 -5.44 32.34 3.16
CA LEU A 227 -5.15 32.22 1.73
C LEU A 227 -6.31 32.70 0.88
N LEU A 228 -7.54 32.65 1.41
CA LEU A 228 -8.69 33.17 0.67
C LEU A 228 -8.53 34.66 0.39
N GLN A 229 -8.00 35.40 1.36
CA GLN A 229 -7.76 36.83 1.21
C GLN A 229 -6.41 37.13 0.59
N GLY A 230 -5.73 36.12 0.06
CA GLY A 230 -4.48 36.33 -0.64
C GLY A 230 -3.26 36.56 0.22
N SER A 231 -3.38 36.35 1.53
CA SER A 231 -2.26 36.53 2.45
C SER A 231 -1.44 35.25 2.48
N TYR A 232 -0.26 35.28 1.86
CA TYR A 232 0.60 34.12 1.73
C TYR A 232 1.84 34.28 2.61
N GLY A 233 2.11 33.26 3.43
CA GLY A 233 3.26 33.29 4.30
C GLY A 233 3.55 31.90 4.82
N THR A 234 4.68 31.77 5.51
CA THR A 234 5.07 30.50 6.08
C THR A 234 4.05 29.96 7.07
N ALA A 235 3.23 30.83 7.66
CA ALA A 235 2.20 30.39 8.59
C ALA A 235 1.17 29.49 7.92
N ALA A 236 1.04 29.56 6.58
CA ALA A 236 0.08 28.71 5.90
C ALA A 236 0.46 27.24 6.01
N ASP A 237 1.76 26.93 5.91
CA ASP A 237 2.20 25.54 6.01
C ASP A 237 1.91 24.97 7.39
N VAL A 238 2.08 25.78 8.44
CA VAL A 238 1.81 25.30 9.80
C VAL A 238 0.34 24.92 9.94
N PHE A 239 -0.56 25.72 9.35
CA PHE A 239 -1.97 25.38 9.42
C PHE A 239 -2.28 24.11 8.64
N SER A 240 -1.63 23.93 7.49
CA SER A 240 -1.86 22.72 6.70
C SER A 240 -1.40 21.48 7.44
N LEU A 241 -0.20 21.54 8.05
CA LEU A 241 0.28 20.42 8.84
C LEU A 241 -0.64 20.16 10.04
N GLY A 242 -1.23 21.21 10.59
CA GLY A 242 -2.20 21.02 11.66
C GLY A 242 -3.38 20.18 11.23
N LEU A 243 -3.97 20.53 10.08
CA LEU A 243 -5.06 19.73 9.56
C LEU A 243 -4.58 18.34 9.12
N THR A 244 -3.35 18.25 8.63
CA THR A 244 -2.78 16.95 8.27
C THR A 244 -2.69 16.04 9.48
N ILE A 245 -2.15 16.55 10.59
CA ILE A 245 -2.05 15.75 11.81
C ILE A 245 -3.44 15.46 12.36
N LEU A 246 -4.33 16.45 12.34
CA LEU A 246 -5.69 16.25 12.84
C LEU A 246 -6.39 15.14 12.07
N GLU A 247 -6.17 15.07 10.75
CA GLU A 247 -6.81 14.05 9.94
C GLU A 247 -6.28 12.65 10.29
N VAL A 248 -4.97 12.50 10.38
CA VAL A 248 -4.40 11.17 10.59
C VAL A 248 -4.55 10.72 12.05
N ALA A 249 -4.58 11.66 13.00
CA ALA A 249 -4.67 11.29 14.41
C ALA A 249 -6.10 10.96 14.84
N CYS A 250 -7.10 11.42 14.08
CA CYS A 250 -8.49 11.17 14.41
C CYS A 250 -9.23 10.39 13.35
N ASN A 251 -8.58 10.05 12.23
CA ASN A 251 -9.20 9.33 11.12
C ASN A 251 -10.47 10.06 10.67
N MET A 252 -10.31 11.34 10.37
CA MET A 252 -11.42 12.21 9.99
C MET A 252 -11.17 12.75 8.58
N GLU A 253 -12.23 12.76 7.78
CA GLU A 253 -12.15 13.29 6.41
C GLU A 253 -12.33 14.80 6.44
N LEU A 254 -11.34 15.52 5.95
CA LEU A 254 -11.41 16.98 5.95
C LEU A 254 -12.39 17.45 4.88
N PRO A 255 -13.22 18.45 5.19
CA PRO A 255 -14.20 18.91 4.20
C PRO A 255 -13.58 19.82 3.16
N HIS A 256 -14.05 19.66 1.92
CA HIS A 256 -13.61 20.55 0.84
C HIS A 256 -14.17 21.96 1.02
N GLY A 257 -15.38 22.07 1.53
CA GLY A 257 -16.01 23.37 1.72
C GLY A 257 -17.25 23.22 2.57
N GLY A 258 -17.89 24.35 2.83
CA GLY A 258 -19.11 24.39 3.60
C GLY A 258 -18.90 24.88 5.03
N GLU A 259 -19.87 24.54 5.88
CA GLU A 259 -19.78 24.93 7.28
C GLU A 259 -18.66 24.18 8.00
N GLY A 260 -18.52 22.89 7.70
CA GLY A 260 -17.45 22.11 8.31
C GLY A 260 -16.07 22.66 7.98
N TRP A 261 -15.90 23.18 6.76
CA TRP A 261 -14.66 23.86 6.40
C TRP A 261 -14.42 25.06 7.30
N GLN A 262 -15.47 25.79 7.63
CA GLN A 262 -15.33 26.96 8.50
C GLN A 262 -15.05 26.55 9.94
N GLN A 263 -15.72 25.52 10.43
CA GLN A 263 -15.59 25.12 11.84
C GLN A 263 -14.15 24.79 12.18
N LEU A 264 -13.43 24.13 11.27
CA LEU A 264 -12.02 23.82 11.50
C LEU A 264 -11.14 25.06 11.46
N ARG A 265 -11.68 26.21 11.09
CA ARG A 265 -10.91 27.43 10.91
C ARG A 265 -11.42 28.59 11.76
N GLN A 266 -12.25 28.30 12.76
CA GLN A 266 -12.73 29.33 13.68
C GLN A 266 -11.99 29.31 15.02
N GLY A 267 -10.97 28.47 15.17
CA GLY A 267 -10.15 28.44 16.36
C GLY A 267 -10.49 27.33 17.34
N TYR A 268 -11.57 26.58 17.10
CA TYR A 268 -11.98 25.49 17.96
C TYR A 268 -11.94 24.17 17.21
N LEU A 269 -11.62 23.08 17.94
CA LEU A 269 -11.55 21.76 17.33
C LEU A 269 -12.89 21.04 17.43
N PRO A 270 -13.19 20.14 16.50
CA PRO A 270 -14.45 19.38 16.57
C PRO A 270 -14.39 18.34 17.67
N PRO A 271 -15.23 18.47 18.70
CA PRO A 271 -15.14 17.56 19.85
C PRO A 271 -15.52 16.12 19.54
N GLU A 272 -16.29 15.86 18.48
CA GLU A 272 -16.77 14.51 18.25
C GLU A 272 -15.65 13.55 17.82
N PHE A 273 -14.65 14.05 17.08
CA PHE A 273 -13.53 13.21 16.66
C PHE A 273 -12.27 13.42 17.47
N THR A 274 -12.15 14.54 18.18
CA THR A 274 -10.96 14.87 18.95
C THR A 274 -11.01 14.37 20.38
N ALA A 275 -11.99 13.52 20.73
CA ALA A 275 -12.10 13.03 22.10
C ALA A 275 -10.90 12.17 22.47
N GLY A 276 -10.46 11.30 21.56
CA GLY A 276 -9.34 10.43 21.85
C GLY A 276 -8.01 11.15 21.96
N LEU A 277 -7.92 12.38 21.47
CA LEU A 277 -6.67 13.13 21.52
C LEU A 277 -6.26 13.39 22.97
N SER A 278 -4.96 13.25 23.23
CA SER A 278 -4.43 13.62 24.53
C SER A 278 -4.44 15.14 24.69
N SER A 279 -4.35 15.57 25.95
CA SER A 279 -4.34 17.01 26.24
C SER A 279 -3.16 17.69 25.57
N GLU A 280 -2.00 17.03 25.55
CA GLU A 280 -0.81 17.63 24.95
C GLU A 280 -0.99 17.81 23.45
N LEU A 281 -1.42 16.76 22.75
CA LEU A 281 -1.59 16.86 21.30
C LEU A 281 -2.68 17.86 20.93
N ARG A 282 -3.78 17.87 21.68
CA ARG A 282 -4.86 18.81 21.41
C ARG A 282 -4.38 20.25 21.53
N SER A 283 -3.56 20.54 22.54
CA SER A 283 -3.05 21.91 22.72
C SER A 283 -2.11 22.30 21.59
N VAL A 284 -1.29 21.37 21.11
CA VAL A 284 -0.41 21.66 19.99
C VAL A 284 -1.21 21.92 18.72
N LEU A 285 -2.30 21.18 18.52
CA LEU A 285 -3.15 21.40 17.35
C LEU A 285 -3.83 22.76 17.41
N VAL A 286 -4.23 23.20 18.61
CA VAL A 286 -4.84 24.52 18.74
C VAL A 286 -3.84 25.61 18.38
N MET A 287 -2.58 25.43 18.76
CA MET A 287 -1.55 26.40 18.38
C MET A 287 -1.40 26.46 16.88
N MET A 288 -1.39 25.30 16.21
CA MET A 288 -1.16 25.27 14.78
C MET A 288 -2.37 25.73 13.99
N LEU A 289 -3.57 25.56 14.54
CA LEU A 289 -4.81 25.91 13.85
C LEU A 289 -5.33 27.29 14.23
N GLU A 290 -4.46 28.18 14.71
CA GLU A 290 -4.85 29.55 15.01
C GLU A 290 -5.24 30.27 13.72
N PRO A 291 -6.46 30.79 13.60
CA PRO A 291 -6.87 31.44 12.34
C PRO A 291 -6.03 32.65 11.98
N ASP A 292 -5.50 33.37 12.96
CA ASP A 292 -4.73 34.58 12.67
C ASP A 292 -3.29 34.20 12.33
N PRO A 293 -2.79 34.53 11.13
CA PRO A 293 -1.40 34.18 10.81
C PRO A 293 -0.40 34.86 11.72
N LYS A 294 -0.69 36.10 12.14
CA LYS A 294 0.23 36.82 13.02
C LYS A 294 0.34 36.15 14.38
N LEU A 295 -0.72 35.47 14.83
CA LEU A 295 -0.71 34.80 16.13
C LEU A 295 -0.34 33.31 16.04
N ARG A 296 -0.46 32.70 14.86
CA ARG A 296 -0.17 31.28 14.72
C ARG A 296 1.30 31.00 15.01
N ALA A 297 1.55 29.94 15.77
CA ALA A 297 2.91 29.58 16.14
C ALA A 297 3.71 29.14 14.92
N THR A 298 5.02 29.28 15.03
CA THR A 298 5.96 28.92 13.97
C THR A 298 6.52 27.52 14.22
N ALA A 299 7.13 26.96 13.17
CA ALA A 299 7.71 25.63 13.29
C ALA A 299 8.81 25.59 14.34
N GLU A 300 9.63 26.65 14.40
CA GLU A 300 10.68 26.71 15.41
C GLU A 300 10.08 26.79 16.82
N ALA A 301 9.01 27.57 16.97
CA ALA A 301 8.38 27.70 18.29
C ALA A 301 7.80 26.37 18.75
N LEU A 302 7.15 25.63 17.84
CA LEU A 302 6.60 24.33 18.19
C LEU A 302 7.69 23.32 18.52
N LEU A 303 8.76 23.30 17.71
CA LEU A 303 9.85 22.37 17.93
C LEU A 303 10.58 22.65 19.24
N ALA A 304 10.58 23.92 19.69
CA ALA A 304 11.23 24.26 20.95
C ALA A 304 10.46 23.75 22.16
N LEU A 305 9.18 23.44 22.00
CA LEU A 305 8.38 22.93 23.12
C LEU A 305 8.95 21.60 23.61
N PRO A 306 8.80 21.30 24.90
CA PRO A 306 9.38 20.05 25.41
C PRO A 306 8.71 18.80 24.88
N VAL A 307 7.39 18.85 24.63
CA VAL A 307 6.69 17.67 24.12
C VAL A 307 7.21 17.30 22.73
N LEU A 308 7.61 18.30 21.94
CA LEU A 308 8.08 18.06 20.58
C LEU A 308 9.60 17.92 20.47
N ARG A 309 10.31 17.93 21.59
CA ARG A 309 11.75 17.70 21.55
C ARG A 309 12.03 16.20 21.39
N GLN A 310 13.11 15.89 20.69
CA GLN A 310 13.46 14.51 20.38
C GLN A 310 13.72 13.72 21.66
N PRO A 311 12.91 12.70 21.97
CA PRO A 311 13.07 11.89 23.18
C PRO A 311 14.19 10.85 23.04
N LEU B 26 -27.15 -14.41 -20.88
CA LEU B 26 -28.48 -13.87 -21.10
C LEU B 26 -29.08 -13.34 -19.80
N GLN B 27 -28.68 -13.94 -18.67
CA GLN B 27 -29.21 -13.57 -17.37
C GLN B 27 -28.26 -14.05 -16.29
N PRO B 28 -28.10 -13.31 -15.20
CA PRO B 28 -27.20 -13.75 -14.13
C PRO B 28 -27.88 -14.77 -13.23
N ARG B 29 -27.13 -15.82 -12.89
CA ARG B 29 -27.63 -16.90 -12.06
C ARG B 29 -26.73 -17.06 -10.83
N ARG B 30 -27.35 -17.24 -9.68
CA ARG B 30 -26.60 -17.37 -8.43
C ARG B 30 -25.85 -18.69 -8.38
N VAL B 31 -24.72 -18.68 -7.69
CA VAL B 31 -23.86 -19.85 -7.53
C VAL B 31 -23.72 -20.14 -6.05
N SER B 32 -24.15 -21.34 -5.63
CA SER B 32 -24.03 -21.75 -4.24
C SER B 32 -24.06 -23.27 -4.19
N PHE B 33 -23.44 -23.81 -3.14
CA PHE B 33 -23.35 -25.25 -2.94
C PHE B 33 -24.21 -25.73 -1.77
N ARG B 34 -25.25 -24.98 -1.42
CA ARG B 34 -26.15 -25.35 -0.34
C ARG B 34 -27.33 -26.19 -0.83
N GLY B 35 -27.22 -26.80 -2.01
CA GLY B 35 -28.32 -27.53 -2.59
C GLY B 35 -29.37 -26.67 -3.25
N GLU B 36 -29.27 -25.35 -3.16
CA GLU B 36 -30.25 -24.45 -3.76
C GLU B 36 -30.08 -24.42 -5.28
N ALA B 37 -31.07 -23.84 -5.94
CA ALA B 37 -31.06 -23.73 -7.40
C ALA B 37 -30.46 -22.40 -7.83
N SER B 38 -30.14 -22.32 -9.13
CA SER B 38 -29.58 -21.10 -9.72
C SER B 38 -30.67 -20.03 -9.75
N GLU B 39 -30.83 -19.37 -8.60
CA GLU B 39 -31.84 -18.33 -8.47
C GLU B 39 -31.50 -17.12 -9.35
N THR B 40 -32.54 -16.37 -9.69
CA THR B 40 -32.43 -15.19 -10.55
C THR B 40 -31.77 -15.52 -11.89
N SER B 43 -31.47 -6.46 -8.72
CA SER B 43 -30.75 -5.41 -8.02
C SER B 43 -31.08 -4.04 -8.61
N PRO B 44 -31.19 -3.02 -7.75
CA PRO B 44 -31.48 -1.67 -8.24
C PRO B 44 -30.34 -1.13 -9.08
N GLY B 45 -30.67 -0.68 -10.29
CA GLY B 45 -29.70 -0.17 -11.24
C GLY B 45 -29.46 -1.06 -12.43
N TYR B 46 -29.93 -2.30 -12.41
CA TYR B 46 -29.75 -3.25 -13.51
C TYR B 46 -31.11 -3.58 -14.10
N ASP B 47 -31.29 -3.22 -15.38
CA ASP B 47 -32.52 -3.51 -16.09
C ASP B 47 -32.30 -4.69 -17.01
N PRO B 48 -33.07 -5.78 -16.87
CA PRO B 48 -32.88 -6.92 -17.79
C PRO B 48 -33.06 -6.55 -19.25
N SER B 49 -33.86 -5.52 -19.55
CA SER B 49 -34.00 -5.07 -20.93
C SER B 49 -32.72 -4.44 -21.45
N ARG B 50 -31.94 -3.81 -20.57
CA ARG B 50 -30.69 -3.19 -20.99
C ARG B 50 -29.68 -4.26 -21.39
N PRO B 51 -28.80 -3.95 -22.36
CA PRO B 51 -27.85 -4.97 -22.84
C PRO B 51 -26.62 -5.13 -21.96
N GLU B 52 -26.39 -4.24 -21.02
CA GLU B 52 -25.20 -4.34 -20.18
C GLU B 52 -25.35 -5.46 -19.16
N SER B 53 -24.21 -5.98 -18.71
CA SER B 53 -24.21 -7.10 -17.78
C SER B 53 -24.64 -6.65 -16.39
N PHE B 54 -24.99 -7.63 -15.56
CA PHE B 54 -25.38 -7.35 -14.19
C PHE B 54 -24.25 -6.66 -13.42
N PHE B 55 -23.01 -7.08 -13.68
CA PHE B 55 -21.86 -6.45 -13.02
C PHE B 55 -21.70 -5.00 -13.44
N GLN B 56 -21.82 -4.73 -14.74
CA GLN B 56 -21.62 -3.36 -15.23
C GLN B 56 -22.79 -2.46 -14.86
N GLN B 57 -23.99 -3.02 -14.70
CA GLN B 57 -25.17 -2.22 -14.42
C GLN B 57 -25.44 -2.02 -12.93
N SER B 58 -25.01 -2.95 -12.08
CA SER B 58 -25.31 -2.91 -10.65
C SER B 58 -24.10 -2.59 -9.79
N PHE B 59 -22.96 -2.23 -10.40
CA PHE B 59 -21.76 -1.89 -9.65
C PHE B 59 -21.05 -0.74 -10.32
N GLN B 60 -20.32 0.04 -9.52
CA GLN B 60 -19.49 1.14 -10.00
C GLN B 60 -18.04 0.75 -9.80
N ARG B 61 -17.34 0.49 -10.91
CA ARG B 61 -15.95 0.05 -10.86
C ARG B 61 -15.07 1.24 -10.52
N LEU B 62 -14.63 1.30 -9.25
CA LEU B 62 -13.78 2.40 -8.82
C LEU B 62 -12.35 2.23 -9.33
N SER B 63 -11.83 1.00 -9.29
CA SER B 63 -10.48 0.73 -9.75
C SER B 63 -10.33 -0.78 -9.95
N ARG B 64 -9.26 -1.16 -10.63
CA ARG B 64 -8.95 -2.56 -10.89
C ARG B 64 -7.81 -2.98 -9.96
N LEU B 65 -8.12 -3.85 -9.00
CA LEU B 65 -7.13 -4.28 -8.02
C LEU B 65 -6.10 -5.22 -8.63
N GLY B 66 -6.47 -5.99 -9.65
CA GLY B 66 -5.54 -6.88 -10.30
C GLY B 66 -6.16 -7.52 -11.52
N HIS B 67 -5.30 -8.03 -12.39
CA HIS B 67 -5.74 -8.72 -13.59
C HIS B 67 -4.71 -9.78 -13.96
N GLY B 68 -5.19 -10.83 -14.61
CA GLY B 68 -4.30 -11.91 -15.02
C GLY B 68 -5.07 -12.99 -15.75
N SER B 69 -4.44 -14.16 -15.86
CA SER B 69 -5.10 -15.30 -16.49
C SER B 69 -6.33 -15.73 -15.71
N TYR B 70 -6.32 -15.54 -14.38
CA TYR B 70 -7.49 -15.82 -13.56
C TYR B 70 -8.65 -14.89 -13.89
N GLY B 71 -8.38 -13.73 -14.49
CA GLY B 71 -9.42 -12.77 -14.78
C GLY B 71 -9.06 -11.37 -14.31
N GLU B 72 -10.02 -10.67 -13.73
CA GLU B 72 -9.81 -9.32 -13.25
C GLU B 72 -10.50 -9.14 -11.90
N VAL B 73 -9.85 -8.39 -11.02
CA VAL B 73 -10.38 -8.06 -9.70
C VAL B 73 -10.55 -6.56 -9.62
N PHE B 74 -11.73 -6.10 -9.22
CA PHE B 74 -12.06 -4.68 -9.18
C PHE B 74 -12.47 -4.27 -7.78
N LYS B 75 -12.07 -3.07 -7.38
CA LYS B 75 -12.63 -2.40 -6.21
C LYS B 75 -13.89 -1.69 -6.69
N VAL B 76 -15.06 -2.17 -6.24
CA VAL B 76 -16.32 -1.69 -6.77
C VAL B 76 -17.20 -1.17 -5.64
N ARG B 77 -18.16 -0.33 -6.02
CA ARG B 77 -19.19 0.17 -5.12
C ARG B 77 -20.54 -0.29 -5.66
N SER B 78 -21.30 -0.99 -4.83
CA SER B 78 -22.57 -1.54 -5.28
C SER B 78 -23.62 -0.44 -5.39
N LYS B 79 -24.34 -0.41 -6.51
CA LYS B 79 -25.44 0.52 -6.68
C LYS B 79 -26.68 0.11 -5.90
N GLU B 80 -26.58 -0.88 -5.02
CA GLU B 80 -27.70 -1.36 -4.22
C GLU B 80 -27.60 -0.88 -2.77
N ASP B 81 -26.51 -1.20 -2.08
CA ASP B 81 -26.33 -0.78 -0.70
C ASP B 81 -25.25 0.29 -0.53
N GLY B 82 -24.46 0.57 -1.57
CA GLY B 82 -23.44 1.60 -1.51
C GLY B 82 -22.16 1.21 -0.82
N ARG B 83 -22.11 0.04 -0.16
CA ARG B 83 -20.91 -0.39 0.53
C ARG B 83 -19.81 -0.78 -0.46
N LEU B 84 -18.58 -0.82 0.06
CA LEU B 84 -17.41 -1.14 -0.75
C LEU B 84 -17.19 -2.65 -0.74
N TYR B 85 -16.92 -3.20 -1.92
CA TYR B 85 -16.67 -4.62 -2.08
C TYR B 85 -15.57 -4.81 -3.11
N ALA B 86 -15.05 -6.04 -3.18
CA ALA B 86 -14.12 -6.45 -4.21
C ALA B 86 -14.76 -7.58 -4.99
N VAL B 87 -14.76 -7.47 -6.32
CA VAL B 87 -15.39 -8.46 -7.19
C VAL B 87 -14.34 -8.98 -8.17
N LYS B 88 -14.22 -10.30 -8.25
CA LYS B 88 -13.35 -10.97 -9.19
C LYS B 88 -14.19 -11.69 -10.22
N ARG B 89 -13.86 -11.49 -11.50
CA ARG B 89 -14.55 -12.16 -12.60
C ARG B 89 -13.55 -12.93 -13.44
N SER B 90 -13.98 -14.08 -13.95
CA SER B 90 -13.13 -14.89 -14.80
C SER B 90 -12.84 -14.18 -16.12
N MET B 91 -11.72 -14.57 -16.74
CA MET B 91 -11.26 -13.88 -17.94
C MET B 91 -12.10 -14.24 -19.15
N SER B 92 -12.20 -15.53 -19.46
CA SER B 92 -12.90 -16.01 -20.64
C SER B 92 -14.07 -16.91 -20.25
N PRO B 93 -15.09 -17.01 -21.11
CA PRO B 93 -16.24 -17.86 -20.78
C PRO B 93 -15.85 -19.31 -20.59
N PHE B 94 -16.76 -20.05 -19.93
CA PHE B 94 -16.54 -21.46 -19.64
C PHE B 94 -16.28 -22.24 -20.94
N ARG B 95 -15.14 -22.93 -20.99
CA ARG B 95 -14.83 -23.75 -22.15
C ARG B 95 -15.69 -25.00 -22.19
N GLY B 96 -15.73 -25.75 -21.09
CA GLY B 96 -16.53 -26.95 -21.00
C GLY B 96 -17.13 -27.14 -19.62
N PRO B 97 -17.69 -28.32 -19.37
CA PRO B 97 -18.25 -28.59 -18.04
C PRO B 97 -17.18 -28.72 -16.96
N LYS B 98 -16.02 -29.29 -17.28
CA LYS B 98 -14.97 -29.43 -16.28
C LYS B 98 -14.41 -28.07 -15.86
N ASP B 99 -14.19 -27.17 -16.81
CA ASP B 99 -13.73 -25.84 -16.46
C ASP B 99 -14.74 -25.10 -15.60
N ARG B 100 -16.03 -25.23 -15.94
CA ARG B 100 -17.07 -24.58 -15.16
C ARG B 100 -17.10 -25.10 -13.73
N ALA B 101 -17.06 -26.43 -13.57
CA ALA B 101 -17.07 -27.01 -12.23
C ALA B 101 -15.80 -26.68 -11.46
N ARG B 102 -14.66 -26.56 -12.16
CA ARG B 102 -13.41 -26.20 -11.50
C ARG B 102 -13.44 -24.76 -10.99
N LYS B 103 -13.91 -23.83 -11.83
CA LYS B 103 -14.01 -22.44 -11.40
C LYS B 103 -15.07 -22.28 -10.32
N LEU B 104 -16.23 -22.93 -10.49
CA LEU B 104 -17.28 -22.85 -9.47
C LEU B 104 -16.87 -23.50 -8.16
N ALA B 105 -15.85 -24.38 -8.18
CA ALA B 105 -15.42 -25.03 -6.96
C ALA B 105 -14.84 -24.05 -5.95
N GLU B 106 -14.31 -22.91 -6.43
CA GLU B 106 -13.80 -21.90 -5.51
C GLU B 106 -14.92 -21.37 -4.62
N VAL B 107 -16.10 -21.13 -5.19
CA VAL B 107 -17.25 -20.70 -4.40
C VAL B 107 -17.58 -21.75 -3.33
N GLY B 108 -17.56 -23.02 -3.72
CA GLY B 108 -17.80 -24.08 -2.75
C GLY B 108 -16.74 -24.14 -1.67
N SER B 109 -15.47 -24.05 -2.07
CA SER B 109 -14.39 -24.05 -1.09
C SER B 109 -14.49 -22.84 -0.16
N HIS B 110 -14.93 -21.69 -0.69
CA HIS B 110 -15.08 -20.50 0.14
C HIS B 110 -16.18 -20.70 1.17
N GLU B 111 -17.24 -21.42 0.80
CA GLU B 111 -18.33 -21.69 1.73
C GLU B 111 -17.91 -22.67 2.83
N LYS B 112 -17.10 -23.67 2.46
CA LYS B 112 -16.63 -24.64 3.46
C LYS B 112 -15.78 -23.95 4.53
N VAL B 113 -15.04 -22.91 4.15
CA VAL B 113 -14.25 -22.17 5.13
C VAL B 113 -15.15 -21.46 6.12
N GLY B 114 -16.20 -20.81 5.63
CA GLY B 114 -17.12 -20.09 6.48
C GLY B 114 -16.59 -18.73 6.87
N GLN B 115 -17.34 -18.06 7.73
CA GLN B 115 -16.96 -16.73 8.20
C GLN B 115 -15.98 -16.87 9.36
N HIS B 116 -14.79 -16.28 9.18
CA HIS B 116 -13.75 -16.28 10.20
C HIS B 116 -13.06 -14.91 10.14
N PRO B 117 -12.72 -14.33 11.30
CA PRO B 117 -12.10 -13.00 11.28
C PRO B 117 -10.80 -12.93 10.50
N CYS B 118 -10.10 -14.06 10.33
CA CYS B 118 -8.84 -14.09 9.60
C CYS B 118 -8.99 -14.70 8.21
N CYS B 119 -10.22 -14.80 7.71
CA CYS B 119 -10.48 -15.31 6.37
C CYS B 119 -11.36 -14.32 5.61
N VAL B 120 -11.00 -14.09 4.34
CA VAL B 120 -11.77 -13.19 3.50
C VAL B 120 -13.20 -13.71 3.36
N ARG B 121 -14.16 -12.83 3.62
CA ARG B 121 -15.57 -13.21 3.61
C ARG B 121 -16.15 -13.05 2.21
N LEU B 122 -16.91 -14.04 1.77
CA LEU B 122 -17.57 -14.01 0.47
C LEU B 122 -18.99 -13.48 0.65
N GLU B 123 -19.34 -12.43 -0.09
CA GLU B 123 -20.67 -11.86 -0.01
C GLU B 123 -21.66 -12.65 -0.85
N GLN B 124 -21.46 -12.66 -2.16
CA GLN B 124 -22.33 -13.39 -3.07
C GLN B 124 -21.52 -13.76 -4.31
N ALA B 125 -21.98 -14.81 -4.99
CA ALA B 125 -21.34 -15.28 -6.21
C ALA B 125 -22.41 -15.60 -7.24
N TRP B 126 -22.13 -15.27 -8.51
CA TRP B 126 -23.09 -15.49 -9.57
C TRP B 126 -22.35 -15.70 -10.88
N GLU B 127 -23.06 -16.27 -11.84
CA GLU B 127 -22.53 -16.51 -13.18
C GLU B 127 -23.42 -15.84 -14.21
N GLU B 128 -22.81 -15.39 -15.30
CA GLU B 128 -23.55 -14.78 -16.39
C GLU B 128 -22.70 -14.82 -17.66
N GLY B 129 -23.27 -15.39 -18.72
CA GLY B 129 -22.54 -15.50 -19.97
C GLY B 129 -21.29 -16.33 -19.91
N GLY B 130 -21.27 -17.36 -19.07
CA GLY B 130 -20.09 -18.18 -18.89
C GLY B 130 -18.99 -17.53 -18.06
N ILE B 131 -19.28 -16.42 -17.41
CA ILE B 131 -18.32 -15.70 -16.57
C ILE B 131 -18.76 -15.84 -15.12
N LEU B 132 -17.82 -16.20 -14.25
CA LEU B 132 -18.10 -16.36 -12.84
C LEU B 132 -17.67 -15.12 -12.07
N TYR B 133 -18.56 -14.60 -11.23
CA TYR B 133 -18.28 -13.43 -10.41
C TYR B 133 -18.28 -13.83 -8.94
N LEU B 134 -17.27 -13.38 -8.21
CA LEU B 134 -17.19 -13.56 -6.77
C LEU B 134 -17.10 -12.19 -6.11
N GLN B 135 -18.04 -11.89 -5.23
CA GLN B 135 -18.09 -10.63 -4.52
C GLN B 135 -17.71 -10.86 -3.08
N THR B 136 -16.60 -10.27 -2.65
CA THR B 136 -16.09 -10.42 -1.30
C THR B 136 -15.96 -9.05 -0.63
N GLU B 137 -15.74 -9.08 0.68
CA GLU B 137 -15.48 -7.86 1.41
C GLU B 137 -14.19 -7.22 0.92
N LEU B 138 -14.16 -5.89 0.94
CA LEU B 138 -12.98 -5.15 0.51
C LEU B 138 -11.94 -5.18 1.61
N CYS B 139 -10.78 -5.75 1.31
CA CYS B 139 -9.65 -5.79 2.23
C CYS B 139 -8.56 -4.83 1.76
N GLY B 140 -7.58 -4.63 2.63
CA GLY B 140 -6.48 -3.75 2.32
C GLY B 140 -5.52 -4.39 1.32
N PRO B 141 -4.28 -3.89 1.29
CA PRO B 141 -3.31 -4.46 0.35
C PRO B 141 -2.85 -5.85 0.77
N SER B 142 -2.44 -6.63 -0.22
CA SER B 142 -1.90 -7.94 0.09
C SER B 142 -0.56 -7.79 0.79
N LEU B 143 -0.18 -8.83 1.54
CA LEU B 143 1.11 -8.80 2.23
C LEU B 143 2.27 -8.64 1.25
N GLN B 144 2.09 -9.12 0.01
CA GLN B 144 3.11 -8.92 -1.01
C GLN B 144 3.25 -7.45 -1.36
N GLN B 145 2.11 -6.77 -1.59
CA GLN B 145 2.14 -5.35 -1.91
C GLN B 145 2.66 -4.53 -0.73
N HIS B 146 2.27 -4.91 0.50
CA HIS B 146 2.70 -4.17 1.67
C HIS B 146 4.22 -4.25 1.85
N CYS B 147 4.80 -5.43 1.66
CA CYS B 147 6.24 -5.56 1.80
C CYS B 147 6.97 -4.90 0.63
N GLU B 148 6.39 -4.95 -0.58
CA GLU B 148 7.00 -4.30 -1.72
C GLU B 148 7.05 -2.78 -1.53
N ALA B 149 6.01 -2.20 -0.93
CA ALA B 149 5.99 -0.75 -0.74
C ALA B 149 7.05 -0.30 0.26
N TRP B 150 7.18 -1.01 1.39
CA TRP B 150 8.21 -0.66 2.35
C TRP B 150 9.61 -1.04 1.87
N GLY B 151 9.70 -2.05 1.01
CA GLY B 151 10.97 -2.39 0.39
C GLY B 151 12.06 -2.81 1.36
N ALA B 152 11.68 -3.39 2.50
CA ALA B 152 12.65 -3.82 3.49
C ALA B 152 11.99 -4.86 4.39
N SER B 153 12.77 -5.39 5.33
CA SER B 153 12.25 -6.36 6.28
C SER B 153 11.21 -5.72 7.19
N LEU B 154 10.09 -6.40 7.37
CA LEU B 154 9.06 -5.91 8.28
C LEU B 154 9.54 -6.02 9.73
N PRO B 155 9.11 -5.10 10.58
CA PRO B 155 9.43 -5.22 12.01
C PRO B 155 8.85 -6.50 12.59
N GLU B 156 9.64 -7.15 13.45
CA GLU B 156 9.22 -8.44 14.00
C GLU B 156 7.89 -8.34 14.74
N ALA B 157 7.60 -7.17 15.33
CA ALA B 157 6.31 -6.98 15.98
C ALA B 157 5.16 -7.15 14.99
N GLN B 158 5.30 -6.58 13.79
CA GLN B 158 4.28 -6.79 12.76
C GLN B 158 4.27 -8.24 12.28
N VAL B 159 5.45 -8.86 12.20
CA VAL B 159 5.53 -10.24 11.71
C VAL B 159 4.75 -11.18 12.61
N TRP B 160 4.93 -11.04 13.93
CA TRP B 160 4.23 -11.92 14.87
C TRP B 160 2.73 -11.81 14.72
N GLY B 161 2.21 -10.58 14.57
CA GLY B 161 0.78 -10.41 14.40
C GLY B 161 0.28 -11.06 13.12
N TYR B 162 0.98 -10.85 12.01
CA TYR B 162 0.60 -11.49 10.75
C TYR B 162 0.75 -13.00 10.84
N LEU B 163 1.77 -13.47 11.57
CA LEU B 163 1.92 -14.90 11.77
C LEU B 163 0.77 -15.46 12.60
N ARG B 164 0.32 -14.70 13.60
CA ARG B 164 -0.77 -15.15 14.45
C ARG B 164 -2.09 -15.19 13.67
N ASP B 165 -2.38 -14.14 12.90
CA ASP B 165 -3.64 -14.09 12.18
C ASP B 165 -3.71 -15.18 11.12
N THR B 166 -2.59 -15.46 10.43
CA THR B 166 -2.61 -16.51 9.42
C THR B 166 -2.66 -17.89 10.07
N LEU B 167 -2.01 -18.07 11.21
CA LEU B 167 -2.11 -19.35 11.93
C LEU B 167 -3.53 -19.59 12.41
N LEU B 168 -4.21 -18.53 12.89
CA LEU B 168 -5.61 -18.67 13.27
C LEU B 168 -6.46 -19.09 12.10
N ALA B 169 -6.21 -18.52 10.92
CA ALA B 169 -6.94 -18.92 9.73
C ALA B 169 -6.61 -20.35 9.33
N LEU B 170 -5.32 -20.70 9.34
CA LEU B 170 -4.93 -22.07 8.99
C LEU B 170 -5.50 -23.08 9.97
N ALA B 171 -5.49 -22.74 11.27
CA ALA B 171 -6.09 -23.62 12.26
C ALA B 171 -7.58 -23.80 12.01
N HIS B 172 -8.25 -22.74 11.56
CA HIS B 172 -9.66 -22.84 11.22
C HIS B 172 -9.89 -23.78 10.04
N LEU B 173 -9.05 -23.65 9.01
CA LEU B 173 -9.18 -24.53 7.84
C LEU B 173 -8.79 -25.97 8.18
N HIS B 174 -7.71 -26.15 8.92
CA HIS B 174 -7.23 -27.50 9.23
C HIS B 174 -8.18 -28.24 10.17
N SER B 175 -8.86 -27.52 11.05
CA SER B 175 -9.79 -28.17 11.96
C SER B 175 -10.96 -28.80 11.22
N GLN B 176 -11.35 -28.23 10.09
CA GLN B 176 -12.42 -28.76 9.26
C GLN B 176 -11.92 -29.72 8.19
N GLY B 177 -10.63 -30.10 8.25
CA GLY B 177 -10.09 -31.00 7.25
C GLY B 177 -9.82 -30.35 5.90
N LEU B 178 -9.45 -29.08 5.89
CA LEU B 178 -9.20 -28.34 4.66
C LEU B 178 -7.74 -27.93 4.60
N VAL B 179 -7.18 -27.97 3.39
CA VAL B 179 -5.80 -27.55 3.14
C VAL B 179 -5.81 -26.47 2.07
N HIS B 180 -5.22 -25.31 2.39
CA HIS B 180 -5.25 -24.17 1.47
C HIS B 180 -4.38 -24.45 0.24
N LEU B 181 -3.17 -24.94 0.44
CA LEU B 181 -2.21 -25.34 -0.58
C LEU B 181 -1.65 -24.16 -1.38
N ASP B 182 -2.00 -22.92 -1.04
CA ASP B 182 -1.46 -21.77 -1.75
C ASP B 182 -1.24 -20.61 -0.79
N VAL B 183 -0.68 -20.90 0.38
CA VAL B 183 -0.37 -19.85 1.36
C VAL B 183 0.88 -19.11 0.89
N LYS B 184 0.74 -17.82 0.64
CA LYS B 184 1.84 -16.98 0.17
C LYS B 184 1.47 -15.53 0.45
N PRO B 185 2.43 -14.61 0.38
CA PRO B 185 2.13 -13.20 0.65
C PRO B 185 1.00 -12.62 -0.20
N ALA B 186 0.87 -13.07 -1.46
CA ALA B 186 -0.17 -12.54 -2.33
C ALA B 186 -1.57 -12.94 -1.88
N ASN B 187 -1.70 -14.04 -1.14
CA ASN B 187 -2.99 -14.53 -0.67
C ASN B 187 -3.29 -14.14 0.77
N ILE B 188 -2.46 -13.28 1.37
CA ILE B 188 -2.70 -12.73 2.70
C ILE B 188 -2.95 -11.24 2.54
N PHE B 189 -4.14 -10.79 2.95
CA PHE B 189 -4.58 -9.42 2.73
C PHE B 189 -4.66 -8.67 4.06
N LEU B 190 -4.10 -7.46 4.08
CA LEU B 190 -4.05 -6.70 5.32
C LEU B 190 -5.42 -6.14 5.67
N GLY B 191 -5.63 -5.94 6.97
CA GLY B 191 -6.84 -5.34 7.48
C GLY B 191 -6.49 -4.20 8.41
N PRO B 192 -7.51 -3.61 9.03
CA PRO B 192 -7.26 -2.45 9.90
C PRO B 192 -6.53 -2.84 11.17
N ARG B 193 -5.74 -1.89 11.67
CA ARG B 193 -5.01 -2.04 12.93
C ARG B 193 -4.02 -3.19 12.90
N GLY B 194 -3.34 -3.35 11.76
CA GLY B 194 -2.28 -4.34 11.68
C GLY B 194 -2.74 -5.78 11.61
N ARG B 195 -4.01 -6.02 11.31
CA ARG B 195 -4.52 -7.37 11.14
C ARG B 195 -4.43 -7.77 9.67
N CYS B 196 -4.52 -9.08 9.44
CA CYS B 196 -4.55 -9.59 8.08
C CYS B 196 -5.48 -10.80 8.02
N LYS B 197 -5.97 -11.07 6.81
CA LYS B 197 -6.87 -12.19 6.58
C LYS B 197 -6.33 -13.04 5.44
N LEU B 198 -6.62 -14.33 5.51
CA LEU B 198 -6.22 -15.27 4.47
C LEU B 198 -7.31 -15.34 3.40
N GLY B 199 -6.88 -15.34 2.14
CA GLY B 199 -7.82 -15.34 1.04
C GLY B 199 -7.45 -16.28 -0.08
N ASP B 200 -8.19 -16.20 -1.19
CA ASP B 200 -7.98 -17.02 -2.38
C ASP B 200 -8.02 -18.50 -2.05
N PHE B 201 -9.23 -19.06 -1.94
CA PHE B 201 -9.43 -20.48 -1.63
C PHE B 201 -9.68 -21.31 -2.88
N GLY B 202 -9.16 -20.88 -4.04
CA GLY B 202 -9.40 -21.62 -5.26
C GLY B 202 -8.74 -22.97 -5.28
N LEU B 203 -7.54 -23.08 -4.69
CA LEU B 203 -6.81 -24.33 -4.63
C LEU B 203 -7.12 -25.15 -3.39
N LEU B 204 -8.09 -24.74 -2.57
CA LEU B 204 -8.37 -25.44 -1.34
C LEU B 204 -8.98 -26.81 -1.64
N VAL B 205 -8.50 -27.83 -0.93
CA VAL B 205 -9.00 -29.19 -1.06
C VAL B 205 -9.42 -29.70 0.30
N GLU B 206 -10.41 -30.59 0.29
CA GLU B 206 -10.89 -31.25 1.50
C GLU B 206 -10.31 -32.65 1.53
N LEU B 207 -9.44 -32.92 2.52
CA LEU B 207 -8.85 -34.24 2.66
C LEU B 207 -9.92 -35.27 2.96
N GLY B 208 -10.01 -36.29 2.12
CA GLY B 208 -11.00 -37.33 2.28
C GLY B 208 -10.51 -38.63 1.67
N THR B 209 -10.95 -39.74 2.26
CA THR B 209 -10.56 -41.07 1.77
C THR B 209 -11.74 -42.03 1.83
N GLY B 213 -9.31 -37.25 -5.20
CA GLY B 213 -9.14 -35.84 -4.89
C GLY B 213 -9.10 -34.95 -6.13
N GLU B 214 -8.73 -33.70 -5.93
CA GLU B 214 -8.65 -32.72 -7.02
C GLU B 214 -7.69 -31.61 -6.65
N VAL B 215 -6.39 -31.83 -6.85
CA VAL B 215 -5.35 -30.90 -6.45
C VAL B 215 -4.78 -30.23 -7.69
N GLN B 216 -4.64 -28.92 -7.64
CA GLN B 216 -4.03 -28.13 -8.70
C GLN B 216 -2.59 -27.76 -8.34
N GLU B 217 -1.81 -27.39 -9.36
CA GLU B 217 -0.43 -27.04 -9.15
C GLU B 217 -0.31 -25.74 -8.36
N GLY B 218 0.63 -25.70 -7.43
CA GLY B 218 0.86 -24.54 -6.60
C GLY B 218 2.20 -23.86 -6.86
N ASP B 219 2.41 -22.77 -6.14
CA ASP B 219 3.63 -21.98 -6.31
C ASP B 219 4.82 -22.77 -5.79
N PRO B 220 5.82 -23.08 -6.64
CA PRO B 220 6.95 -23.89 -6.16
C PRO B 220 7.84 -23.22 -5.14
N ARG B 221 7.84 -21.88 -5.08
CA ARG B 221 8.69 -21.20 -4.11
C ARG B 221 8.25 -21.48 -2.67
N TYR B 222 6.96 -21.75 -2.46
CA TYR B 222 6.43 -22.01 -1.13
C TYR B 222 6.02 -23.46 -0.95
N MET B 223 6.42 -24.34 -1.86
CA MET B 223 5.95 -25.72 -1.88
C MET B 223 6.62 -26.53 -0.78
N ALA B 224 5.82 -27.27 -0.02
CA ALA B 224 6.36 -28.19 0.97
C ALA B 224 7.13 -29.31 0.27
N PRO B 225 8.21 -29.80 0.87
CA PRO B 225 9.04 -30.81 0.21
C PRO B 225 8.30 -32.13 -0.06
N GLU B 226 7.30 -32.47 0.74
CA GLU B 226 6.59 -33.73 0.53
C GLU B 226 5.64 -33.67 -0.66
N LEU B 227 5.30 -32.46 -1.14
CA LEU B 227 4.36 -32.35 -2.26
C LEU B 227 4.95 -32.90 -3.55
N LEU B 228 6.27 -32.94 -3.67
CA LEU B 228 6.89 -33.53 -4.86
C LEU B 228 6.54 -35.01 -4.98
N GLN B 229 6.50 -35.72 -3.86
CA GLN B 229 6.14 -37.13 -3.83
C GLN B 229 4.64 -37.36 -3.70
N GLY B 230 3.83 -36.31 -3.85
CA GLY B 230 2.39 -36.45 -3.81
C GLY B 230 1.76 -36.59 -2.45
N SER B 231 2.52 -36.33 -1.38
CA SER B 231 1.99 -36.42 -0.02
C SER B 231 1.32 -35.09 0.32
N TYR B 232 -0.01 -35.10 0.41
CA TYR B 232 -0.80 -33.90 0.66
C TYR B 232 -1.40 -33.97 2.05
N GLY B 233 -1.23 -32.90 2.83
CA GLY B 233 -1.78 -32.83 4.16
C GLY B 233 -1.76 -31.41 4.68
N THR B 234 -2.40 -31.22 5.84
CA THR B 234 -2.45 -29.90 6.46
C THR B 234 -1.06 -29.38 6.80
N ALA B 235 -0.07 -30.28 6.96
CA ALA B 235 1.29 -29.85 7.26
C ALA B 235 1.89 -29.03 6.13
N ALA B 236 1.38 -29.16 4.90
CA ALA B 236 1.93 -28.39 3.79
C ALA B 236 1.68 -26.90 3.98
N ASP B 237 0.50 -26.52 4.48
CA ASP B 237 0.19 -25.12 4.71
C ASP B 237 1.11 -24.50 5.75
N VAL B 238 1.44 -25.26 6.81
CA VAL B 238 2.34 -24.74 7.83
C VAL B 238 3.71 -24.44 7.23
N PHE B 239 4.18 -25.31 6.34
CA PHE B 239 5.46 -25.08 5.69
C PHE B 239 5.41 -23.87 4.77
N SER B 240 4.29 -23.68 4.06
CA SER B 240 4.15 -22.53 3.17
C SER B 240 4.17 -21.23 3.97
N LEU B 241 3.43 -21.19 5.08
CA LEU B 241 3.44 -20.01 5.94
C LEU B 241 4.82 -19.75 6.52
N GLY B 242 5.59 -20.82 6.79
CA GLY B 242 6.95 -20.62 7.26
C GLY B 242 7.81 -19.89 6.25
N LEU B 243 7.77 -20.32 4.99
CA LEU B 243 8.50 -19.59 3.95
C LEU B 243 7.91 -18.21 3.71
N THR B 244 6.58 -18.08 3.85
CA THR B 244 5.94 -16.77 3.72
C THR B 244 6.47 -15.81 4.78
N ILE B 245 6.51 -16.25 6.03
CA ILE B 245 7.06 -15.41 7.09
C ILE B 245 8.55 -15.18 6.87
N LEU B 246 9.28 -16.22 6.47
CA LEU B 246 10.71 -16.07 6.23
C LEU B 246 10.98 -15.04 5.14
N GLU B 247 10.17 -15.03 4.09
CA GLU B 247 10.36 -14.06 3.02
C GLU B 247 10.12 -12.64 3.49
N VAL B 248 9.03 -12.42 4.22
CA VAL B 248 8.67 -11.07 4.62
C VAL B 248 9.53 -10.58 5.78
N ALA B 249 10.00 -11.49 6.64
CA ALA B 249 10.80 -11.10 7.80
C ALA B 249 12.25 -10.81 7.46
N CYS B 250 12.75 -11.35 6.35
CA CYS B 250 14.14 -11.14 5.95
C CYS B 250 14.30 -10.44 4.61
N ASN B 251 13.20 -10.14 3.92
CA ASN B 251 13.23 -9.50 2.61
C ASN B 251 14.13 -10.26 1.64
N MET B 252 13.89 -11.56 1.53
CA MET B 252 14.67 -12.44 0.67
C MET B 252 13.76 -13.07 -0.38
N GLU B 253 14.28 -13.17 -1.61
CA GLU B 253 13.53 -13.78 -2.70
C GLU B 253 13.69 -15.29 -2.64
N LEU B 254 12.57 -16.00 -2.55
CA LEU B 254 12.60 -17.45 -2.47
C LEU B 254 12.92 -18.03 -3.86
N PRO B 255 13.75 -19.07 -3.92
CA PRO B 255 14.11 -19.64 -5.21
C PRO B 255 13.02 -20.53 -5.78
N HIS B 256 12.84 -20.47 -7.10
CA HIS B 256 11.89 -21.35 -7.77
C HIS B 256 12.39 -22.79 -7.78
N GLY B 257 13.70 -22.97 -7.91
CA GLY B 257 14.27 -24.31 -7.96
C GLY B 257 15.77 -24.23 -7.80
N GLY B 258 16.39 -25.40 -7.78
CA GLY B 258 17.83 -25.51 -7.66
C GLY B 258 18.28 -25.91 -6.27
N GLU B 259 19.55 -25.62 -5.98
CA GLU B 259 20.11 -25.95 -4.68
C GLU B 259 19.49 -25.10 -3.58
N GLY B 260 19.27 -23.81 -3.85
CA GLY B 260 18.66 -22.95 -2.85
C GLY B 260 17.27 -23.41 -2.45
N TRP B 261 16.52 -23.94 -3.42
CA TRP B 261 15.22 -24.53 -3.11
C TRP B 261 15.38 -25.71 -2.17
N GLN B 262 16.43 -26.50 -2.36
CA GLN B 262 16.67 -27.65 -1.48
C GLN B 262 17.16 -27.20 -0.11
N GLN B 263 18.04 -26.20 -0.06
CA GLN B 263 18.63 -25.76 1.21
C GLN B 263 17.56 -25.34 2.20
N LEU B 264 16.51 -24.67 1.72
CA LEU B 264 15.41 -24.26 2.59
C LEU B 264 14.57 -25.43 3.06
N ARG B 265 14.79 -26.63 2.52
CA ARG B 265 13.97 -27.79 2.84
C ARG B 265 14.77 -28.97 3.39
N GLN B 266 16.04 -28.75 3.75
CA GLN B 266 16.86 -29.78 4.38
C GLN B 266 16.98 -29.60 5.88
N GLY B 267 16.28 -28.64 6.46
CA GLY B 267 16.25 -28.44 7.89
C GLY B 267 17.11 -27.31 8.41
N TYR B 268 17.91 -26.68 7.57
CA TYR B 268 18.76 -25.56 7.98
C TYR B 268 18.36 -24.30 7.24
N LEU B 269 18.47 -23.16 7.92
CA LEU B 269 18.14 -21.82 7.44
C LEU B 269 19.37 -21.15 6.82
N PRO B 270 19.16 -20.24 5.87
CA PRO B 270 20.28 -19.51 5.29
C PRO B 270 20.81 -18.47 6.28
N PRO B 271 22.06 -18.61 6.73
CA PRO B 271 22.57 -17.72 7.78
C PRO B 271 22.73 -16.28 7.32
N GLU B 272 22.84 -16.02 6.02
CA GLU B 272 23.09 -14.66 5.56
C GLU B 272 21.88 -13.77 5.75
N PHE B 273 20.66 -14.31 5.63
CA PHE B 273 19.46 -13.52 5.80
C PHE B 273 18.79 -13.70 7.16
N THR B 274 19.10 -14.78 7.88
CA THR B 274 18.46 -15.06 9.16
C THR B 274 19.22 -14.48 10.35
N ALA B 275 20.21 -13.62 10.11
CA ALA B 275 20.98 -13.05 11.21
C ALA B 275 20.11 -12.15 12.08
N GLY B 276 19.27 -11.31 11.47
CA GLY B 276 18.42 -10.40 12.21
C GLY B 276 17.31 -11.08 13.00
N LEU B 277 17.01 -12.34 12.69
CA LEU B 277 15.94 -13.04 13.38
C LEU B 277 16.25 -13.21 14.85
N SER B 278 15.25 -13.01 15.69
CA SER B 278 15.39 -13.29 17.11
C SER B 278 15.41 -14.80 17.33
N SER B 279 15.92 -15.20 18.50
CA SER B 279 15.98 -16.63 18.83
C SER B 279 14.58 -17.23 18.84
N GLU B 280 13.59 -16.51 19.38
CA GLU B 280 12.24 -17.04 19.45
C GLU B 280 11.66 -17.26 18.05
N LEU B 281 11.76 -16.25 17.19
CA LEU B 281 11.21 -16.37 15.84
C LEU B 281 11.96 -17.43 15.04
N ARG B 282 13.28 -17.49 15.18
CA ARG B 282 14.05 -18.50 14.46
C ARG B 282 13.63 -19.91 14.86
N SER B 283 13.39 -20.12 16.16
CA SER B 283 12.97 -21.44 16.63
C SER B 283 11.58 -21.79 16.11
N VAL B 284 10.67 -20.82 16.03
CA VAL B 284 9.35 -21.07 15.49
C VAL B 284 9.43 -21.41 14.01
N LEU B 285 10.32 -20.73 13.28
CA LEU B 285 10.48 -21.02 11.86
C LEU B 285 11.06 -22.41 11.63
N VAL B 286 11.98 -22.84 12.51
CA VAL B 286 12.54 -24.19 12.39
C VAL B 286 11.45 -25.24 12.58
N MET B 287 10.52 -25.00 13.50
CA MET B 287 9.40 -25.91 13.68
C MET B 287 8.55 -26.00 12.42
N MET B 288 8.29 -24.85 11.79
CA MET B 288 7.43 -24.85 10.60
C MET B 288 8.13 -25.39 9.37
N LEU B 289 9.46 -25.29 9.30
CA LEU B 289 10.20 -25.73 8.14
C LEU B 289 10.78 -27.14 8.31
N GLU B 290 10.19 -27.93 9.19
CA GLU B 290 10.62 -29.31 9.37
C GLU B 290 10.31 -30.11 8.11
N PRO B 291 11.31 -30.72 7.47
CA PRO B 291 11.04 -31.43 6.20
C PRO B 291 10.07 -32.60 6.36
N ASP B 292 10.05 -33.25 7.51
CA ASP B 292 9.17 -34.40 7.70
C ASP B 292 7.79 -33.91 8.11
N PRO B 293 6.73 -34.23 7.35
CA PRO B 293 5.39 -33.77 7.74
C PRO B 293 4.93 -34.30 9.09
N LYS B 294 5.29 -35.54 9.44
CA LYS B 294 4.88 -36.11 10.71
C LYS B 294 5.51 -35.38 11.89
N LEU B 295 6.68 -34.78 11.70
CA LEU B 295 7.34 -34.06 12.78
C LEU B 295 7.02 -32.57 12.79
N ARG B 296 6.57 -32.02 11.66
CA ARG B 296 6.27 -30.60 11.57
C ARG B 296 5.12 -30.24 12.50
N ALA B 297 5.26 -29.11 13.20
CA ALA B 297 4.24 -28.69 14.14
C ALA B 297 2.96 -28.29 13.40
N THR B 298 1.85 -28.36 14.12
CA THR B 298 0.54 -28.00 13.59
C THR B 298 0.20 -26.57 14.01
N ALA B 299 -0.82 -26.01 13.34
CA ALA B 299 -1.24 -24.65 13.64
C ALA B 299 -1.72 -24.51 15.07
N GLU B 300 -2.41 -25.52 15.59
CA GLU B 300 -2.85 -25.49 16.98
C GLU B 300 -1.67 -25.49 17.94
N ALA B 301 -0.66 -26.31 17.66
CA ALA B 301 0.50 -26.40 18.53
C ALA B 301 1.29 -25.08 18.52
N LEU B 302 1.44 -24.47 17.36
CA LEU B 302 2.18 -23.21 17.28
C LEU B 302 1.45 -22.09 18.02
N LEU B 303 0.13 -22.01 17.85
CA LEU B 303 -0.65 -20.98 18.54
C LEU B 303 -0.63 -21.19 20.05
N ALA B 304 -0.48 -22.43 20.50
CA ALA B 304 -0.42 -22.71 21.93
C ALA B 304 0.90 -22.28 22.56
N LEU B 305 1.94 -22.07 21.75
CA LEU B 305 3.23 -21.66 22.29
C LEU B 305 3.12 -20.29 22.95
N PRO B 306 3.94 -20.02 23.98
CA PRO B 306 3.82 -18.75 24.70
C PRO B 306 4.20 -17.53 23.85
N VAL B 307 5.17 -17.66 22.96
CA VAL B 307 5.57 -16.53 22.12
C VAL B 307 4.43 -16.14 21.18
N LEU B 308 3.61 -17.09 20.76
CA LEU B 308 2.52 -16.84 19.83
C LEU B 308 1.18 -16.60 20.53
N ARG B 309 1.18 -16.52 21.85
CA ARG B 309 -0.04 -16.21 22.60
C ARG B 309 -0.38 -14.72 22.52
#